data_6T3Z
#
_entry.id   6T3Z
#
_cell.length_a   59.313
_cell.length_b   59.313
_cell.length_c   265.370
_cell.angle_alpha   90.000
_cell.angle_beta   90.000
_cell.angle_gamma   120.000
#
_symmetry.space_group_name_H-M   'P 61 2 2'
#
loop_
_entity.id
_entity.type
_entity.pdbx_description
1 polymer 'Nuclear egress protein 2,Nuclear egress protein 1'
2 non-polymer 'MALONATE ION'
3 water water
#
_entity_poly.entity_id   1
_entity_poly.type   'polypeptide(L)'
_entity_poly.pdbx_seq_one_letter_code
;GSHMASPEERLLDELNNVIVSFLCDSGSLEVERCSGAHVFSRGSSQPLCTVKLRHGQIYHLEFVYKFLAFKLKNCNYPSS
PVFVISNNGLATTLRCFLHEPSGLRSGQSGPCLGLSTDVDLPKNSIIMLGQDDFIKFKSPLVFPAELDLLKSMVVCRAYI
TEHRTTMQFLVFQAANAQKASRVMDMISDMSQQLSGGSGSDRSHFSLRDFFRGISANFELGKDFLREMNTPIH
;
_entity_poly.pdbx_strand_id   A
#
loop_
_chem_comp.id
_chem_comp.type
_chem_comp.name
_chem_comp.formula
MLI non-polymer 'MALONATE ION' 'C3 H2 O4 -2'
#
# COMPACT_ATOMS: atom_id res chain seq x y z
N ALA A 5 -13.68 2.98 23.72
CA ALA A 5 -13.05 3.22 22.42
C ALA A 5 -13.40 2.13 21.40
N SER A 6 -14.70 1.96 21.11
CA SER A 6 -15.14 0.95 20.14
C SER A 6 -15.07 1.53 18.74
N PRO A 7 -15.61 2.72 18.48
CA PRO A 7 -15.46 3.28 17.13
C PRO A 7 -14.01 3.37 16.69
N GLU A 8 -13.14 3.78 17.62
CA GLU A 8 -11.72 3.81 17.33
C GLU A 8 -11.19 2.40 17.08
N GLU A 9 -11.61 1.44 17.91
CA GLU A 9 -11.13 0.06 17.79
C GLU A 9 -11.55 -0.55 16.45
N ARG A 10 -12.77 -0.27 16.00
CA ARG A 10 -13.23 -0.81 14.73
C ARG A 10 -12.39 -0.28 13.58
N LEU A 11 -12.16 1.03 13.56
CA LEU A 11 -11.35 1.61 12.50
C LEU A 11 -9.95 1.03 12.52
N LEU A 12 -9.34 0.96 13.70
CA LEU A 12 -8.00 0.40 13.78
C LEU A 12 -8.00 -1.05 13.31
N ASP A 13 -9.02 -1.81 13.69
CA ASP A 13 -9.15 -3.18 13.19
C ASP A 13 -9.16 -3.21 11.67
N GLU A 14 -10.04 -2.41 11.07
CA GLU A 14 -10.14 -2.39 9.61
C GLU A 14 -8.82 -1.99 8.96
N LEU A 15 -8.14 -0.98 9.51
CA LEU A 15 -6.90 -0.53 8.89
C LEU A 15 -5.86 -1.64 8.90
N ASN A 16 -5.70 -2.30 10.05
CA ASN A 16 -4.77 -3.43 10.15
C ASN A 16 -5.16 -4.52 9.16
N ASN A 17 -6.45 -4.79 9.01
CA ASN A 17 -6.82 -5.92 8.19
C ASN A 17 -6.72 -5.61 6.68
N VAL A 18 -6.71 -4.33 6.29
CA VAL A 18 -6.36 -3.96 4.92
C VAL A 18 -4.92 -4.39 4.63
N ILE A 19 -4.02 -4.11 5.58
CA ILE A 19 -2.64 -4.51 5.41
C ILE A 19 -2.53 -6.01 5.32
N VAL A 20 -3.20 -6.74 6.22
CA VAL A 20 -3.11 -8.19 6.25
C VAL A 20 -3.62 -8.77 4.96
N SER A 21 -4.70 -8.19 4.42
CA SER A 21 -5.34 -8.82 3.28
C SER A 21 -4.64 -8.50 1.97
N PHE A 22 -4.00 -7.34 1.86
CA PHE A 22 -3.55 -6.85 0.58
C PHE A 22 -2.07 -6.54 0.49
N LEU A 23 -1.30 -6.60 1.58
CA LEU A 23 0.13 -6.28 1.47
C LEU A 23 0.85 -7.27 0.56
N CYS A 24 0.53 -8.56 0.69
CA CYS A 24 1.01 -9.60 -0.22
C CYS A 24 -0.18 -10.31 -0.86
N ASP A 25 0.03 -11.51 -1.37
CA ASP A 25 -1.09 -12.29 -1.84
C ASP A 25 -0.93 -13.77 -1.57
N SER A 26 0.13 -14.19 -0.89
CA SER A 26 0.33 -15.60 -0.60
C SER A 26 1.29 -15.74 0.56
N GLY A 27 1.18 -16.87 1.25
CA GLY A 27 2.11 -17.22 2.29
C GLY A 27 1.73 -16.67 3.64
N SER A 28 2.54 -17.03 4.63
CA SER A 28 2.38 -16.55 5.99
C SER A 28 2.99 -15.15 6.08
N LEU A 29 2.13 -14.16 6.32
CA LEU A 29 2.58 -12.79 6.54
C LEU A 29 2.73 -12.56 8.04
N GLU A 30 3.89 -12.05 8.45
CA GLU A 30 4.19 -11.86 9.88
C GLU A 30 3.85 -10.42 10.24
N VAL A 31 2.59 -10.21 10.60
CA VAL A 31 2.03 -8.89 10.90
C VAL A 31 1.75 -8.83 12.38
N GLU A 32 2.38 -7.86 13.07
CA GLU A 32 2.22 -7.68 14.50
C GLU A 32 1.52 -6.35 14.75
N ARG A 33 0.45 -6.38 15.51
CA ARG A 33 -0.23 -5.14 15.86
C ARG A 33 0.06 -4.75 17.31
N CYS A 34 -0.04 -3.46 17.60
CA CYS A 34 -0.01 -2.99 18.97
C CYS A 34 -0.88 -1.75 19.13
N GLY A 36 -2.71 0.90 22.30
CA GLY A 36 -2.12 1.91 23.15
C GLY A 36 -2.89 3.22 23.21
N ALA A 37 -4.03 3.27 22.53
CA ALA A 37 -4.95 4.40 22.52
C ALA A 37 -4.29 5.66 21.95
N HIS A 38 -3.04 5.58 21.48
CA HIS A 38 -2.33 6.74 20.96
C HIS A 38 -1.85 6.50 19.53
N VAL A 39 -2.47 5.56 18.81
CA VAL A 39 -2.15 5.37 17.41
C VAL A 39 -2.55 6.61 16.61
N PHE A 40 -3.72 7.18 16.93
CA PHE A 40 -4.21 8.35 16.22
C PHE A 40 -3.70 9.67 16.79
N SER A 41 -3.24 9.65 18.04
CA SER A 41 -2.90 10.89 18.74
C SER A 41 -1.84 11.65 17.98
N ARG A 42 -2.05 12.96 17.83
CA ARG A 42 -1.06 13.80 17.20
C ARG A 42 0.22 13.74 18.03
N GLY A 43 1.36 13.62 17.33
CA GLY A 43 2.65 13.62 17.98
C GLY A 43 3.09 12.30 18.58
N SER A 44 2.32 11.23 18.39
CA SER A 44 2.68 9.92 18.93
C SER A 44 3.55 9.17 17.94
N SER A 45 4.40 8.28 18.46
CA SER A 45 5.28 7.45 17.64
C SER A 45 4.84 5.99 17.68
N GLN A 46 3.56 5.76 17.94
CA GLN A 46 3.03 4.40 18.00
C GLN A 46 2.61 4.01 16.59
N PRO A 47 3.21 2.97 15.98
CA PRO A 47 2.71 2.49 14.68
C PRO A 47 1.45 1.66 14.84
N LEU A 48 0.68 1.59 13.76
CA LEU A 48 -0.48 0.70 13.77
C LEU A 48 -0.03 -0.74 13.84
N CYS A 49 0.94 -1.12 13.00
CA CYS A 49 1.38 -2.50 12.96
C CYS A 49 2.78 -2.54 12.39
N THR A 50 3.43 -3.68 12.61
CA THR A 50 4.77 -3.95 12.10
C THR A 50 4.74 -5.27 11.34
N VAL A 51 5.43 -5.30 10.22
CA VAL A 51 5.47 -6.47 9.35
C VAL A 51 6.93 -6.80 9.11
N LYS A 52 7.29 -8.05 9.38
CA LYS A 52 8.63 -8.51 9.06
C LYS A 52 8.69 -8.85 7.59
N LEU A 53 9.60 -8.21 6.87
CA LEU A 53 9.75 -8.50 5.45
C LEU A 53 10.57 -9.75 5.24
N ARG A 54 10.35 -10.37 4.09
CA ARG A 54 10.87 -11.70 3.82
C ARG A 54 11.50 -11.70 2.44
N HIS A 55 12.71 -12.27 2.35
CA HIS A 55 13.42 -12.30 1.09
C HIS A 55 12.53 -12.81 -0.04
N GLY A 56 12.56 -12.11 -1.17
CA GLY A 56 11.88 -12.52 -2.37
C GLY A 56 10.43 -12.12 -2.47
N GLN A 57 9.81 -11.69 -1.38
CA GLN A 57 8.40 -11.36 -1.41
C GLN A 57 8.17 -9.96 -1.98
N ILE A 58 6.98 -9.78 -2.55
CA ILE A 58 6.54 -8.51 -3.14
C ILE A 58 5.46 -7.91 -2.26
N TYR A 59 5.61 -6.62 -1.95
CA TYR A 59 4.72 -5.93 -1.01
C TYR A 59 4.03 -4.80 -1.76
N HIS A 60 2.70 -4.79 -1.71
CA HIS A 60 1.89 -3.89 -2.53
C HIS A 60 1.76 -2.54 -1.82
N LEU A 61 2.88 -1.81 -1.76
CA LEU A 61 2.95 -0.65 -0.89
C LEU A 61 1.96 0.44 -1.32
N GLU A 62 1.94 0.78 -2.61
CA GLU A 62 1.11 1.90 -3.05
C GLU A 62 -0.36 1.59 -2.86
N PHE A 63 -0.79 0.38 -3.19
CA PHE A 63 -2.20 0.02 -3.05
C PHE A 63 -2.63 0.11 -1.59
N VAL A 64 -1.89 -0.55 -0.70
CA VAL A 64 -2.23 -0.53 0.72
C VAL A 64 -2.16 0.91 1.24
N TYR A 65 -1.12 1.65 0.89
CA TYR A 65 -1.01 3.03 1.37
C TYR A 65 -2.27 3.82 1.03
N LYS A 66 -2.67 3.82 -0.25
CA LYS A 66 -3.81 4.61 -0.68
C LYS A 66 -5.12 4.08 -0.11
N PHE A 67 -5.22 2.77 0.15
CA PHE A 67 -6.41 2.25 0.80
C PHE A 67 -6.52 2.78 2.24
N LEU A 68 -5.40 2.76 2.98
CA LEU A 68 -5.41 3.32 4.32
C LEU A 68 -5.74 4.80 4.31
N ALA A 69 -5.15 5.55 3.36
CA ALA A 69 -5.44 6.97 3.26
C ALA A 69 -6.93 7.21 3.02
N PHE A 70 -7.55 6.39 2.17
CA PHE A 70 -8.98 6.53 1.90
C PHE A 70 -9.84 6.31 3.14
N LYS A 71 -9.53 5.28 3.93
CA LYS A 71 -10.33 5.02 5.13
C LYS A 71 -10.17 6.13 6.15
N LEU A 72 -8.97 6.68 6.28
CA LEU A 72 -8.75 7.76 7.24
C LEU A 72 -9.53 9.01 6.86
N LYS A 73 -9.52 9.38 5.58
CA LYS A 73 -10.26 10.57 5.18
C LYS A 73 -11.77 10.36 5.36
N ASN A 74 -12.25 9.14 5.11
CA ASN A 74 -13.67 8.84 5.34
C ASN A 74 -14.07 9.01 6.80
N CYS A 75 -13.12 8.87 7.72
CA CYS A 75 -13.39 9.04 9.13
C CYS A 75 -13.01 10.42 9.63
N ASN A 76 -12.82 11.37 8.71
CA ASN A 76 -12.48 12.74 9.08
C ASN A 76 -11.21 12.80 9.92
N TYR A 77 -10.21 11.99 9.55
CA TYR A 77 -8.90 12.02 10.20
CA TYR A 77 -8.91 12.03 10.21
C TYR A 77 -7.95 12.84 9.35
N PRO A 78 -7.34 13.91 9.88
CA PRO A 78 -6.62 14.84 9.00
C PRO A 78 -5.29 14.33 8.47
N SER A 79 -4.63 13.43 9.18
CA SER A 79 -3.30 13.01 8.77
C SER A 79 -3.37 11.90 7.73
N SER A 80 -2.27 11.76 6.98
CA SER A 80 -2.04 10.71 5.99
C SER A 80 -0.96 9.77 6.50
N PRO A 81 -1.03 8.50 6.12
CA PRO A 81 -0.13 7.51 6.72
C PRO A 81 1.33 7.74 6.31
N VAL A 82 2.20 7.01 6.99
CA VAL A 82 3.62 6.98 6.68
C VAL A 82 4.12 5.55 6.85
N PHE A 83 4.81 5.04 5.84
CA PHE A 83 5.45 3.74 5.90
C PHE A 83 6.93 3.93 6.17
N VAL A 84 7.47 3.12 7.06
CA VAL A 84 8.89 3.16 7.38
C VAL A 84 9.43 1.75 7.23
N ILE A 85 10.36 1.58 6.32
CA ILE A 85 11.12 0.35 6.17
C ILE A 85 12.46 0.58 6.85
N SER A 86 12.84 -0.32 7.75
CA SER A 86 14.06 -0.14 8.51
C SER A 86 14.73 -1.49 8.72
N ASN A 87 16.06 -1.48 8.70
CA ASN A 87 16.86 -2.68 8.93
C ASN A 87 17.70 -2.45 10.18
N ASN A 88 17.48 -3.28 11.20
CA ASN A 88 18.21 -3.18 12.46
C ASN A 88 19.42 -4.09 12.53
N GLY A 89 19.70 -4.87 11.48
CA GLY A 89 20.81 -5.81 11.46
C GLY A 89 20.37 -7.25 11.61
N LEU A 90 19.24 -7.49 12.25
CA LEU A 90 18.66 -8.82 12.36
C LEU A 90 17.52 -9.04 11.37
N ALA A 91 16.74 -8.00 11.08
CA ALA A 91 15.58 -8.15 10.23
C ALA A 91 15.16 -6.79 9.70
N THR A 92 14.47 -6.82 8.57
CA THR A 92 13.92 -5.63 7.95
C THR A 92 12.41 -5.65 8.16
N THR A 93 11.88 -4.57 8.71
CA THR A 93 10.46 -4.47 9.01
C THR A 93 9.84 -3.31 8.27
N LEU A 94 8.54 -3.41 8.08
CA LEU A 94 7.72 -2.32 7.59
C LEU A 94 6.84 -1.88 8.74
N ARG A 95 6.94 -0.61 9.10
CA ARG A 95 6.10 -0.05 10.15
C ARG A 95 5.10 0.88 9.48
N CYS A 96 3.82 0.68 9.79
CA CYS A 96 2.75 1.47 9.20
C CYS A 96 2.25 2.43 10.27
N PHE A 97 2.64 3.70 10.14
CA PHE A 97 2.15 4.77 11.01
C PHE A 97 0.94 5.43 10.35
N LEU A 98 0.00 5.88 11.18
CA LEU A 98 -1.15 6.64 10.70
C LEU A 98 -0.87 8.14 10.68
N HIS A 99 0.39 8.53 10.91
CA HIS A 99 0.83 9.93 10.88
C HIS A 99 2.36 9.95 10.91
N GLU A 100 2.92 11.11 10.61
CA GLU A 100 4.37 11.29 10.67
C GLU A 100 4.85 11.16 12.11
N PRO A 101 5.72 10.19 12.44
CA PRO A 101 6.18 10.08 13.83
C PRO A 101 7.26 11.11 14.21
N SER A 109 18.33 11.07 13.10
CA SER A 109 18.72 9.71 13.46
C SER A 109 19.49 9.05 12.30
N GLY A 110 19.39 7.72 12.20
CA GLY A 110 20.04 6.97 11.14
C GLY A 110 19.69 7.50 9.76
N PRO A 111 20.50 7.16 8.76
CA PRO A 111 20.29 7.73 7.43
C PRO A 111 18.93 7.36 6.85
N CYS A 112 18.19 8.38 6.41
CA CYS A 112 16.87 8.21 5.82
C CYS A 112 16.96 8.34 4.31
N LEU A 113 16.63 7.25 3.61
CA LEU A 113 16.85 7.12 2.18
C LEU A 113 15.57 7.32 1.38
N GLY A 114 15.72 7.81 0.15
CA GLY A 114 14.61 8.06 -0.74
C GLY A 114 14.37 6.91 -1.70
N LEU A 115 13.20 6.97 -2.34
CA LEU A 115 12.83 5.91 -3.26
C LEU A 115 13.72 5.95 -4.49
N SER A 116 14.20 4.78 -4.91
CA SER A 116 14.80 4.59 -6.21
C SER A 116 14.64 3.11 -6.54
N THR A 117 15.05 2.73 -7.75
CA THR A 117 14.85 1.37 -8.19
C THR A 117 15.46 0.36 -7.24
N ASP A 118 16.70 0.62 -6.78
CA ASP A 118 17.41 -0.27 -5.86
C ASP A 118 17.94 0.55 -4.69
N VAL A 119 17.36 0.34 -3.51
CA VAL A 119 17.74 1.07 -2.30
C VAL A 119 18.43 0.07 -1.38
N ASP A 120 19.76 0.08 -1.38
CA ASP A 120 20.51 -0.66 -0.37
C ASP A 120 20.13 -0.17 1.01
N LEU A 121 19.86 -1.11 1.93
CA LEU A 121 19.32 -0.81 3.24
C LEU A 121 20.21 -1.46 4.30
N PRO A 122 21.36 -0.85 4.61
CA PRO A 122 22.24 -1.39 5.65
C PRO A 122 21.65 -1.17 7.03
N LYS A 123 22.32 -1.76 8.02
CA LYS A 123 21.86 -1.67 9.40
C LYS A 123 21.68 -0.22 9.82
N ASN A 124 20.57 0.05 10.51
CA ASN A 124 20.25 1.34 11.12
C ASN A 124 19.91 2.42 10.10
N SER A 125 19.61 2.02 8.86
CA SER A 125 19.13 2.94 7.84
C SER A 125 17.64 2.66 7.60
N ILE A 126 16.92 3.67 7.12
CA ILE A 126 15.48 3.57 6.94
C ILE A 126 15.09 4.15 5.58
N ILE A 127 13.89 3.80 5.14
CA ILE A 127 13.22 4.38 3.99
C ILE A 127 11.85 4.83 4.45
N MET A 128 11.53 6.09 4.20
CA MET A 128 10.25 6.67 4.61
C MET A 128 9.40 6.92 3.37
N LEU A 129 8.16 6.40 3.37
CA LEU A 129 7.28 6.50 2.21
C LEU A 129 6.01 7.22 2.61
N GLY A 130 5.68 8.26 1.86
CA GLY A 130 4.53 9.11 2.14
C GLY A 130 3.67 9.38 0.92
N GLN A 131 2.69 10.26 1.14
CA GLN A 131 1.55 10.45 0.23
C GLN A 131 1.93 10.51 -1.25
N ASP A 132 2.92 11.33 -1.60
CA ASP A 132 3.21 11.56 -3.01
C ASP A 132 4.43 10.81 -3.49
N ASP A 133 5.02 9.96 -2.64
CA ASP A 133 6.27 9.33 -3.05
C ASP A 133 6.04 8.30 -4.13
N PHE A 134 4.86 7.70 -4.20
CA PHE A 134 4.64 6.71 -5.23
C PHE A 134 4.46 7.37 -6.60
N ILE A 135 3.70 8.46 -6.66
CA ILE A 135 3.54 9.18 -7.93
C ILE A 135 4.88 9.77 -8.37
N LYS A 136 5.67 10.31 -7.44
CA LYS A 136 6.96 10.85 -7.83
C LYS A 136 7.86 9.77 -8.40
N PHE A 137 7.80 8.57 -7.84
CA PHE A 137 8.60 7.48 -8.37
C PHE A 137 8.15 7.11 -9.78
N LYS A 138 6.83 6.97 -9.99
CA LYS A 138 6.32 6.54 -11.29
C LYS A 138 6.45 7.61 -12.35
N SER A 139 6.40 8.88 -11.97
CA SER A 139 6.21 9.99 -12.90
C SER A 139 7.11 9.92 -14.13
N PRO A 140 8.42 9.66 -13.99
CA PRO A 140 9.26 9.59 -15.20
C PRO A 140 9.20 8.24 -15.90
N LEU A 141 8.57 7.23 -15.29
CA LEU A 141 8.64 5.88 -15.81
C LEU A 141 7.44 5.45 -16.63
N VAL A 142 6.32 6.17 -16.53
CA VAL A 142 5.08 5.79 -17.21
C VAL A 142 4.53 7.03 -17.90
N PHE A 143 3.73 6.79 -18.94
CA PHE A 143 3.12 7.92 -19.62
C PHE A 143 2.02 8.54 -18.74
N PRO A 144 1.68 9.82 -18.97
CA PRO A 144 0.71 10.48 -18.09
C PRO A 144 -0.58 9.71 -17.89
N ALA A 145 -1.13 9.07 -18.94
CA ALA A 145 -2.39 8.34 -18.79
C ALA A 145 -2.26 7.13 -17.90
N GLU A 146 -1.04 6.68 -17.60
CA GLU A 146 -0.85 5.49 -16.78
C GLU A 146 -0.40 5.83 -15.36
N LEU A 147 -0.48 7.09 -14.95
CA LEU A 147 0.15 7.52 -13.72
C LEU A 147 -0.64 7.10 -12.48
N ASP A 148 -1.97 7.05 -12.57
CA ASP A 148 -2.79 6.73 -11.41
C ASP A 148 -2.61 5.27 -11.00
N LEU A 149 -2.81 5.03 -9.70
CA LEU A 149 -2.77 3.67 -9.13
C LEU A 149 -3.65 2.68 -9.90
N LEU A 150 -4.76 3.15 -10.47
CA LEU A 150 -5.67 2.27 -11.21
C LEU A 150 -4.96 1.63 -12.40
N LYS A 151 -3.94 2.29 -12.94
CA LYS A 151 -3.21 1.78 -14.10
C LYS A 151 -1.81 1.28 -13.79
N SER A 152 -1.10 1.93 -12.87
CA SER A 152 0.27 1.55 -12.56
C SER A 152 0.43 1.63 -11.05
N MET A 153 1.01 0.60 -10.45
CA MET A 153 1.16 0.58 -9.00
C MET A 153 2.59 0.23 -8.61
N VAL A 154 3.08 0.91 -7.59
CA VAL A 154 4.42 0.68 -7.07
C VAL A 154 4.37 -0.43 -6.05
N VAL A 155 5.28 -1.40 -6.20
CA VAL A 155 5.46 -2.50 -5.27
C VAL A 155 6.92 -2.48 -4.81
N CYS A 156 7.20 -3.23 -3.75
CA CYS A 156 8.54 -3.39 -3.22
C CYS A 156 8.86 -4.87 -3.14
N ARG A 157 9.91 -5.29 -3.84
CA ARG A 157 10.40 -6.66 -3.71
C ARG A 157 11.59 -6.63 -2.77
N ALA A 158 11.52 -7.43 -1.71
CA ALA A 158 12.54 -7.43 -0.69
C ALA A 158 13.67 -8.38 -1.10
N TYR A 159 14.88 -7.88 -1.06
CA TYR A 159 16.09 -8.69 -1.20
C TYR A 159 16.81 -8.67 0.15
N ILE A 160 16.76 -9.78 0.88
CA ILE A 160 17.29 -9.86 2.24
C ILE A 160 18.24 -11.06 2.31
N THR A 161 19.54 -10.78 2.36
CA THR A 161 20.56 -11.81 2.51
C THR A 161 21.52 -11.39 3.60
N GLU A 162 22.34 -12.34 4.06
CA GLU A 162 23.27 -12.06 5.15
C GLU A 162 24.19 -10.90 4.79
N HIS A 163 24.59 -10.80 3.52
CA HIS A 163 25.60 -9.84 3.10
C HIS A 163 25.02 -8.63 2.39
N ARG A 164 23.70 -8.55 2.22
CA ARG A 164 23.10 -7.37 1.63
C ARG A 164 21.58 -7.38 1.78
N THR A 165 21.03 -6.24 2.21
CA THR A 165 19.60 -6.00 2.19
C THR A 165 19.33 -4.88 1.20
N THR A 166 18.37 -5.11 0.31
CA THR A 166 18.03 -4.17 -0.76
C THR A 166 16.53 -4.19 -0.99
N MET A 167 15.91 -3.00 -0.97
CA MET A 167 14.52 -2.87 -1.33
C MET A 167 14.45 -2.50 -2.80
N GLN A 168 13.79 -3.33 -3.60
CA GLN A 168 13.71 -3.14 -5.05
C GLN A 168 12.32 -2.63 -5.36
N PHE A 169 12.24 -1.40 -5.83
CA PHE A 169 10.95 -0.77 -6.12
C PHE A 169 10.63 -0.87 -7.60
N LEU A 170 9.46 -1.44 -7.90
CA LEU A 170 9.04 -1.74 -9.25
C LEU A 170 7.66 -1.12 -9.50
N VAL A 171 7.37 -0.84 -10.76
CA VAL A 171 6.05 -0.40 -11.20
C VAL A 171 5.40 -1.54 -11.97
N PHE A 172 4.24 -1.97 -11.49
CA PHE A 172 3.49 -3.05 -12.12
C PHE A 172 2.26 -2.49 -12.84
N GLN A 173 1.98 -3.03 -14.01
CA GLN A 173 0.78 -2.71 -14.78
C GLN A 173 0.10 -4.01 -15.17
N ALA A 174 -1.15 -3.90 -15.63
CA ALA A 174 -1.86 -5.06 -16.15
C ALA A 174 -1.35 -5.45 -17.54
N ALA A 175 -1.05 -6.73 -17.72
CA ALA A 175 -0.67 -7.24 -19.04
C ALA A 175 -1.87 -7.38 -19.95
N ASN A 176 -3.01 -7.75 -19.36
CA ASN A 176 -4.24 -7.97 -20.12
C ASN A 176 -5.14 -6.78 -19.85
N ALA A 177 -5.17 -5.85 -20.80
CA ALA A 177 -5.93 -4.61 -20.60
C ALA A 177 -7.42 -4.90 -20.50
N GLN A 178 -7.90 -5.90 -21.25
CA GLN A 178 -9.31 -6.22 -21.24
CA GLN A 178 -9.32 -6.21 -21.24
C GLN A 178 -9.73 -6.79 -19.90
N LYS A 179 -8.94 -7.72 -19.35
CA LYS A 179 -9.29 -8.31 -18.07
C LYS A 179 -9.18 -7.29 -16.95
N ALA A 180 -8.16 -6.44 -16.99
CA ALA A 180 -8.08 -5.36 -16.01
C ALA A 180 -9.33 -4.49 -16.08
N SER A 181 -9.79 -4.19 -17.29
CA SER A 181 -10.98 -3.35 -17.43
C SER A 181 -12.22 -4.05 -16.88
N ARG A 182 -12.29 -5.38 -17.04
CA ARG A 182 -13.42 -6.13 -16.51
C ARG A 182 -13.45 -6.05 -14.99
N VAL A 183 -12.29 -6.15 -14.34
CA VAL A 183 -12.23 -6.00 -12.89
C VAL A 183 -12.71 -4.60 -12.48
N MET A 184 -12.28 -3.56 -13.21
CA MET A 184 -12.74 -2.21 -12.88
CA MET A 184 -12.74 -2.20 -12.92
C MET A 184 -14.26 -2.12 -12.98
N ASP A 185 -14.86 -2.76 -13.98
CA ASP A 185 -16.31 -2.78 -14.11
C ASP A 185 -16.96 -3.36 -12.87
N MET A 186 -16.46 -4.51 -12.40
CA MET A 186 -17.05 -5.13 -11.21
C MET A 186 -16.96 -4.19 -10.04
N ILE A 187 -15.81 -3.54 -9.86
CA ILE A 187 -15.63 -2.65 -8.73
C ILE A 187 -16.57 -1.46 -8.85
N SER A 188 -16.62 -0.86 -10.04
CA SER A 188 -17.50 0.27 -10.26
C SER A 188 -18.95 -0.10 -9.99
N ASP A 189 -19.39 -1.25 -10.49
CA ASP A 189 -20.77 -1.67 -10.28
C ASP A 189 -21.06 -1.87 -8.80
N MET A 190 -20.09 -2.42 -8.05
CA MET A 190 -20.25 -2.56 -6.60
C MET A 190 -20.42 -1.20 -5.94
N SER A 191 -19.58 -0.24 -6.33
CA SER A 191 -19.71 1.11 -5.78
C SER A 191 -21.06 1.73 -6.14
N GLN A 192 -21.51 1.52 -7.39
CA GLN A 192 -22.79 2.10 -7.80
C GLN A 192 -23.95 1.47 -7.04
N GLN A 193 -23.85 0.18 -6.73
CA GLN A 193 -24.94 -0.49 -6.02
C GLN A 193 -25.04 -0.02 -4.59
N LEU A 194 -23.92 0.30 -3.96
CA LEU A 194 -23.94 0.82 -2.59
C LEU A 194 -24.57 2.21 -2.53
N SER A 195 -24.27 3.06 -3.52
CA SER A 195 -24.79 4.42 -3.59
C SER A 195 -26.12 4.51 -4.33
N GLY A 196 -26.54 3.45 -5.03
CA GLY A 196 -27.77 3.47 -5.79
C GLY A 196 -27.63 4.23 -7.09
N ASP A 201 -22.62 4.41 -15.08
CA ASP A 201 -21.72 5.20 -15.93
C ASP A 201 -20.24 5.09 -15.49
N ARG A 202 -19.32 5.09 -16.46
CA ARG A 202 -17.89 4.98 -16.21
C ARG A 202 -17.20 6.33 -16.04
N SER A 203 -17.86 7.41 -16.45
CA SER A 203 -17.20 8.72 -16.58
C SER A 203 -16.84 9.31 -15.24
N HIS A 204 -17.48 8.87 -14.16
CA HIS A 204 -17.30 9.46 -12.85
C HIS A 204 -16.38 8.62 -11.98
N PHE A 205 -15.82 7.53 -12.50
CA PHE A 205 -15.18 6.53 -11.67
C PHE A 205 -13.89 7.09 -11.10
N SER A 206 -13.82 7.13 -9.78
CA SER A 206 -12.72 7.74 -9.05
C SER A 206 -12.02 6.72 -8.16
N LEU A 207 -10.90 7.17 -7.60
CA LEU A 207 -10.21 6.35 -6.63
C LEU A 207 -11.08 6.08 -5.40
N ARG A 208 -11.92 7.04 -5.03
CA ARG A 208 -12.86 6.81 -3.94
C ARG A 208 -13.85 5.71 -4.29
N ASP A 209 -14.40 5.73 -5.51
CA ASP A 209 -15.33 4.68 -5.91
C ASP A 209 -14.63 3.32 -5.88
N PHE A 210 -13.38 3.27 -6.34
CA PHE A 210 -12.56 2.06 -6.34
C PHE A 210 -12.46 1.44 -4.94
N PHE A 211 -12.09 2.23 -3.95
CA PHE A 211 -11.92 1.68 -2.61
C PHE A 211 -13.25 1.48 -1.90
N ARG A 212 -14.27 2.23 -2.30
CA ARG A 212 -15.60 1.94 -1.77
C ARG A 212 -16.10 0.59 -2.25
N GLY A 213 -15.90 0.30 -3.53
CA GLY A 213 -16.27 -1.01 -4.04
C GLY A 213 -15.43 -2.13 -3.45
N ILE A 214 -14.11 -1.95 -3.38
CA ILE A 214 -13.29 -2.99 -2.76
C ILE A 214 -13.65 -3.19 -1.29
N SER A 215 -13.95 -2.10 -0.58
CA SER A 215 -14.35 -2.21 0.83
C SER A 215 -15.54 -3.12 0.99
N ALA A 216 -16.46 -3.15 0.01
CA ALA A 216 -17.65 -3.98 0.08
C ALA A 216 -17.36 -5.43 -0.24
N ASN A 217 -16.30 -5.70 -1.00
CA ASN A 217 -15.92 -7.08 -1.31
C ASN A 217 -14.42 -7.10 -1.56
N PHE A 218 -13.67 -7.55 -0.54
CA PHE A 218 -12.21 -7.60 -0.62
C PHE A 218 -11.75 -8.44 -1.81
N GLU A 219 -12.52 -9.47 -2.21
CA GLU A 219 -12.09 -10.29 -3.33
C GLU A 219 -11.88 -9.45 -4.60
N LEU A 220 -12.64 -8.37 -4.76
CA LEU A 220 -12.43 -7.49 -5.90
C LEU A 220 -11.05 -6.85 -5.84
N GLY A 221 -10.60 -6.52 -4.64
CA GLY A 221 -9.23 -6.05 -4.48
C GLY A 221 -8.20 -7.09 -4.86
N LYS A 222 -8.41 -8.33 -4.43
CA LYS A 222 -7.54 -9.42 -4.83
C LYS A 222 -7.54 -9.58 -6.35
N ASP A 223 -8.71 -9.43 -6.98
CA ASP A 223 -8.79 -9.50 -8.44
C ASP A 223 -7.93 -8.43 -9.10
N PHE A 224 -8.01 -7.18 -8.59
CA PHE A 224 -7.21 -6.10 -9.13
C PHE A 224 -5.71 -6.38 -9.02
N LEU A 225 -5.25 -6.72 -7.80
CA LEU A 225 -3.84 -6.99 -7.60
C LEU A 225 -3.36 -8.14 -8.49
N ARG A 226 -4.21 -9.14 -8.71
CA ARG A 226 -3.82 -10.29 -9.52
CA ARG A 226 -3.81 -10.28 -9.52
C ARG A 226 -3.53 -9.86 -10.96
N GLU A 227 -4.30 -8.91 -11.48
CA GLU A 227 -4.13 -8.44 -12.85
C GLU A 227 -2.97 -7.47 -13.00
N MET A 228 -2.60 -6.77 -11.92
CA MET A 228 -1.51 -5.79 -11.95
C MET A 228 -0.21 -6.53 -11.70
N ASN A 229 0.25 -7.23 -12.73
CA ASN A 229 1.24 -8.27 -12.59
C ASN A 229 2.51 -8.09 -13.41
N THR A 230 2.60 -7.06 -14.26
CA THR A 230 3.69 -6.99 -15.23
C THR A 230 4.55 -5.78 -14.93
N PRO A 231 5.84 -5.94 -14.66
CA PRO A 231 6.71 -4.77 -14.51
C PRO A 231 6.84 -3.99 -15.81
N ILE A 232 6.89 -2.66 -15.67
CA ILE A 232 7.00 -1.80 -16.84
C ILE A 232 8.33 -2.01 -17.56
N HIS A 233 8.42 -1.53 -18.81
CA HIS A 233 9.63 -1.66 -19.64
C HIS A 233 10.30 -0.29 -19.83
C1 MLI B . -12.60 -5.73 11.15
C2 MLI B . -13.44 -6.93 11.57
C3 MLI B . -12.32 -5.84 9.66
O6 MLI B . -14.26 -7.46 10.77
O7 MLI B . -13.31 -7.38 12.74
O8 MLI B . -13.21 -6.27 8.86
O9 MLI B . -11.19 -5.52 9.22
H11 MLI B . -13.09 -4.91 11.33
H12 MLI B . -11.76 -5.73 11.64
#